data_6WFX
#
_entry.id   6WFX
#
_cell.length_a   60.420
_cell.length_b   78.662
_cell.length_c   90.666
_cell.angle_alpha   90.00
_cell.angle_beta   90.00
_cell.angle_gamma   90.00
#
_symmetry.space_group_name_H-M   'P 21 21 21'
#
loop_
_entity.id
_entity.type
_entity.pdbx_description
1 polymer 'Fab395 heavy chain'
2 polymer 'Fab395 light chain'
3 polymer 'NPNA2 peptide'
4 water water
#
loop_
_entity_poly.entity_id
_entity_poly.type
_entity_poly.pdbx_seq_one_letter_code
_entity_poly.pdbx_strand_id
1 'polypeptide(L)'
;QEQLVESGGGVVQPGRSLRLSCAAASEFCFSCYGMHWVRQAPGKGLEWVAVIWHDGSNQHFADSVKGRFTISRDNSKNIM
YLQMNSLRAEDTAVYYCASATRYDILTGAFDYWGQGTLVTVVSRRLPPSVFPLAPSSKSTSGGTAALGCLVKDYFPEPVT
VSWNSGALTSGVHTFPAVLQSSGLYSLSSVVTVPSSSLGTQTYICNVNHKPSNTKVDKKVEPKSC
;
H
2 'polypeptide(L)'
;DIQMTQSPSTLSASVGDRVTITCRASQSISTWLAWYQQKPGKAPKLLIYKASSLESGVPSRFSGSGSGTEFTLTISSLQP
DDFATYYCQQYSRYWTFGQGTKVEIKRTVAAPSVFIFPPSDEQLKSGTASVVCLLNNFYPREAKVQWKVDNALQSGNSQE
SVTEQDSKDSTYSLSSTLTLSKADYEKHKVYACEVTHQGLSSPVTKSFNRGEC
;
L
3 'polypeptide(L)' (ACE)NPNANPNA(NH2) P
#
# COMPACT_ATOMS: atom_id res chain seq x y z
N GLU A 2 4.27 -23.22 -11.90
CA GLU A 2 5.22 -22.59 -10.98
C GLU A 2 4.55 -21.51 -10.15
N GLN A 3 4.74 -21.58 -8.83
CA GLN A 3 4.13 -20.65 -7.90
C GLN A 3 4.77 -20.82 -6.53
N LEU A 4 4.93 -19.70 -5.81
CA LEU A 4 5.45 -19.70 -4.45
C LEU A 4 4.38 -19.17 -3.51
N VAL A 5 4.16 -19.89 -2.41
CA VAL A 5 3.19 -19.50 -1.40
C VAL A 5 3.90 -19.43 -0.05
N GLU A 6 3.95 -18.25 0.53
CA GLU A 6 4.55 -18.06 1.84
C GLU A 6 3.50 -18.27 2.93
N SER A 7 3.96 -18.70 4.11
CA SER A 7 3.05 -18.96 5.23
C SER A 7 3.78 -18.63 6.52
N GLY A 8 3.01 -18.56 7.61
CA GLY A 8 3.55 -18.47 8.95
C GLY A 8 3.63 -17.09 9.55
N GLY A 9 3.24 -16.04 8.82
CA GLY A 9 3.33 -14.70 9.37
C GLY A 9 2.25 -14.42 10.39
N GLY A 10 2.51 -13.42 11.23
CA GLY A 10 1.54 -13.05 12.25
C GLY A 10 2.04 -11.92 13.11
N VAL A 11 1.40 -11.77 14.28
CA VAL A 11 1.71 -10.71 15.23
C VAL A 11 2.29 -11.36 16.48
N VAL A 12 3.49 -10.93 16.87
CA VAL A 12 4.17 -11.46 18.06
C VAL A 12 4.86 -10.29 18.78
N GLN A 13 5.29 -10.58 20.01
CA GLN A 13 6.00 -9.61 20.83
C GLN A 13 7.48 -9.58 20.45
N PRO A 14 8.19 -8.50 20.83
CA PRO A 14 9.64 -8.50 20.65
C PRO A 14 10.29 -9.64 21.43
N GLY A 15 11.27 -10.28 20.80
CA GLY A 15 11.96 -11.40 21.38
C GLY A 15 11.37 -12.76 21.04
N ARG A 16 10.10 -12.81 20.67
CA ARG A 16 9.48 -14.07 20.28
C ARG A 16 10.06 -14.55 18.95
N SER A 17 9.67 -15.78 18.57
CA SER A 17 10.19 -16.41 17.37
C SER A 17 9.05 -16.70 16.39
N LEU A 18 9.40 -16.75 15.11
CA LEU A 18 8.45 -17.05 14.05
C LEU A 18 9.13 -17.87 12.97
N ARG A 19 8.43 -18.89 12.47
CA ARG A 19 8.96 -19.82 11.49
C ARG A 19 8.16 -19.66 10.20
N LEU A 20 8.69 -18.89 9.26
CA LEU A 20 8.04 -18.69 7.98
C LEU A 20 8.36 -19.84 7.03
N SER A 21 7.38 -20.19 6.18
CA SER A 21 7.55 -21.22 5.19
C SER A 21 7.27 -20.64 3.81
N CYS A 22 7.81 -21.30 2.78
CA CYS A 22 7.56 -20.92 1.39
C CYS A 22 7.49 -22.20 0.58
N ALA A 23 6.28 -22.58 0.17
CA ALA A 23 6.04 -23.82 -0.55
C ALA A 23 5.95 -23.52 -2.05
N ALA A 24 6.66 -24.30 -2.85
CA ALA A 24 6.65 -24.16 -4.29
C ALA A 24 5.72 -25.21 -4.91
N ALA A 25 4.94 -24.79 -5.91
CA ALA A 25 4.14 -25.73 -6.66
C ALA A 25 5.05 -26.75 -7.34
N SER A 26 4.51 -27.96 -7.54
CA SER A 26 5.34 -29.06 -8.03
C SER A 26 5.73 -28.89 -9.50
N GLU A 27 5.08 -27.98 -10.24
CA GLU A 27 5.54 -27.66 -11.58
C GLU A 27 6.86 -26.89 -11.57
N PHE A 28 7.27 -26.42 -10.39
CA PHE A 28 8.48 -25.62 -10.22
C PHE A 28 9.62 -26.52 -9.78
N CYS A 29 10.72 -26.49 -10.50
CA CYS A 29 11.87 -27.26 -10.01
C CYS A 29 12.43 -26.58 -8.77
N PHE A 30 11.95 -26.99 -7.59
CA PHE A 30 12.47 -26.42 -6.36
C PHE A 30 13.95 -26.78 -6.15
N SER A 31 14.33 -28.00 -6.53
CA SER A 31 15.68 -28.49 -6.30
C SER A 31 16.73 -27.76 -7.12
N CYS A 32 16.30 -27.03 -8.16
CA CYS A 32 17.19 -26.48 -9.17
C CYS A 32 17.78 -25.12 -8.80
N TYR A 33 17.09 -24.34 -7.98
CA TYR A 33 17.40 -22.93 -7.81
C TYR A 33 17.62 -22.60 -6.34
N GLY A 34 18.49 -21.61 -6.11
CA GLY A 34 18.59 -21.03 -4.79
C GLY A 34 17.34 -20.24 -4.45
N MET A 35 16.93 -20.30 -3.20
CA MET A 35 15.72 -19.65 -2.73
C MET A 35 16.09 -18.47 -1.83
N HIS A 36 15.48 -17.32 -2.08
CA HIS A 36 15.80 -16.09 -1.37
C HIS A 36 14.63 -15.66 -0.50
N TRP A 37 14.92 -14.68 0.36
CA TRP A 37 13.90 -13.99 1.14
C TRP A 37 14.12 -12.49 0.97
N VAL A 38 13.08 -11.81 0.50
CA VAL A 38 13.08 -10.35 0.37
C VAL A 38 11.91 -9.82 1.18
N ARG A 39 12.19 -8.82 2.01
CA ARG A 39 11.17 -8.25 2.88
C ARG A 39 10.99 -6.76 2.58
N GLN A 40 9.82 -6.25 2.95
CA GLN A 40 9.47 -4.86 2.69
C GLN A 40 8.67 -4.33 3.88
N ALA A 41 9.29 -3.44 4.66
CA ALA A 41 8.54 -2.73 5.68
C ALA A 41 7.39 -1.96 5.03
N PRO A 42 6.24 -1.87 5.69
CA PRO A 42 5.04 -1.32 5.03
C PRO A 42 5.24 0.05 4.40
N GLY A 43 6.23 0.79 4.87
CA GLY A 43 6.51 2.10 4.30
C GLY A 43 7.63 2.10 3.27
N LYS A 44 8.78 1.54 3.63
CA LYS A 44 9.98 1.65 2.81
C LYS A 44 9.95 0.62 1.69
N GLY A 45 11.11 0.41 1.05
CA GLY A 45 11.22 -0.44 -0.11
C GLY A 45 11.79 -1.81 0.22
N LEU A 46 12.40 -2.41 -0.80
CA LEU A 46 12.83 -3.81 -0.71
C LEU A 46 14.20 -3.91 -0.05
N GLU A 47 14.36 -4.94 0.79
CA GLU A 47 15.63 -5.26 1.40
C GLU A 47 15.85 -6.76 1.30
N TRP A 48 16.90 -7.18 0.61
CA TRP A 48 17.26 -8.60 0.58
C TRP A 48 17.63 -9.06 1.98
N VAL A 49 17.27 -10.31 2.31
CA VAL A 49 17.35 -10.83 3.65
C VAL A 49 18.24 -12.07 3.73
N ALA A 50 17.93 -13.10 2.93
CA ALA A 50 18.63 -14.36 3.08
C ALA A 50 18.50 -15.18 1.80
N VAL A 51 19.40 -16.14 1.66
CA VAL A 51 19.36 -17.10 0.57
C VAL A 51 19.91 -18.44 1.08
N ILE A 52 19.30 -19.53 0.62
CA ILE A 52 19.84 -20.87 0.82
C ILE A 52 20.14 -21.45 -0.55
N TRP A 53 21.25 -22.18 -0.65
CA TRP A 53 21.64 -22.78 -1.92
C TRP A 53 20.62 -23.85 -2.33
N HIS A 54 20.79 -24.36 -3.54
CA HIS A 54 19.84 -25.33 -4.09
C HIS A 54 19.84 -26.62 -3.26
N ASP A 55 21.02 -27.11 -2.90
CA ASP A 55 21.13 -28.35 -2.14
C ASP A 55 21.15 -28.14 -0.64
N GLY A 56 21.09 -26.90 -0.17
CA GLY A 56 21.23 -26.62 1.24
C GLY A 56 22.65 -26.68 1.75
N SER A 57 23.63 -26.65 0.85
CA SER A 57 25.03 -26.73 1.24
C SER A 57 25.61 -25.39 1.65
N ASN A 58 24.95 -24.29 1.32
CA ASN A 58 25.43 -22.97 1.71
C ASN A 58 24.25 -22.04 1.90
N GLN A 59 24.51 -20.92 2.56
CA GLN A 59 23.48 -19.95 2.89
C GLN A 59 24.13 -18.63 3.20
N HIS A 60 23.40 -17.54 2.96
CA HIS A 60 23.90 -16.21 3.23
C HIS A 60 22.79 -15.37 3.85
N PHE A 61 23.19 -14.44 4.71
CA PHE A 61 22.26 -13.56 5.42
C PHE A 61 22.74 -12.13 5.32
N ALA A 62 21.79 -11.21 5.18
CA ALA A 62 22.11 -9.80 5.32
C ALA A 62 22.59 -9.53 6.75
N ASP A 63 23.55 -8.61 6.88
CA ASP A 63 24.02 -8.22 8.20
C ASP A 63 22.90 -7.72 9.09
N SER A 64 21.79 -7.29 8.49
CA SER A 64 20.63 -6.86 9.26
C SER A 64 20.11 -7.98 10.15
N VAL A 65 20.08 -9.21 9.65
CA VAL A 65 19.48 -10.33 10.36
C VAL A 65 20.49 -11.41 10.71
N LYS A 66 21.76 -11.25 10.34
CA LYS A 66 22.76 -12.28 10.63
C LYS A 66 22.87 -12.52 12.13
N GLY A 67 22.95 -13.80 12.50
CA GLY A 67 23.01 -14.18 13.90
C GLY A 67 21.66 -14.39 14.56
N ARG A 68 20.57 -13.99 13.92
CA ARG A 68 19.23 -14.17 14.47
C ARG A 68 18.34 -15.03 13.60
N PHE A 69 18.53 -15.04 12.28
CA PHE A 69 17.74 -15.83 11.36
C PHE A 69 18.51 -17.07 10.95
N THR A 70 17.80 -18.19 10.80
CA THR A 70 18.35 -19.40 10.23
C THR A 70 17.44 -19.85 9.09
N ILE A 71 18.03 -20.49 8.08
CA ILE A 71 17.31 -20.88 6.88
C ILE A 71 17.58 -22.34 6.58
N SER A 72 16.55 -23.04 6.12
CA SER A 72 16.65 -24.45 5.76
C SER A 72 15.68 -24.74 4.63
N ARG A 73 15.93 -25.83 3.91
CA ARG A 73 15.02 -26.29 2.87
C ARG A 73 15.00 -27.81 2.87
N ASP A 74 13.81 -28.37 2.72
CA ASP A 74 13.61 -29.81 2.55
C ASP A 74 13.18 -30.01 1.10
N ASN A 75 14.13 -30.41 0.25
CA ASN A 75 13.87 -30.52 -1.17
C ASN A 75 12.75 -31.52 -1.46
N SER A 76 12.70 -32.62 -0.70
CA SER A 76 11.67 -33.62 -0.93
C SER A 76 10.28 -33.07 -0.64
N LYS A 77 10.13 -32.33 0.46
CA LYS A 77 8.85 -31.72 0.79
C LYS A 77 8.56 -30.47 -0.03
N ASN A 78 9.54 -29.97 -0.81
CA ASN A 78 9.37 -28.78 -1.63
C ASN A 78 9.01 -27.56 -0.79
N ILE A 79 9.67 -27.41 0.35
CA ILE A 79 9.41 -26.31 1.28
C ILE A 79 10.73 -25.75 1.78
N MET A 80 10.82 -24.43 1.83
CA MET A 80 11.91 -23.73 2.50
C MET A 80 11.36 -23.06 3.75
N TYR A 81 12.12 -23.13 4.84
CA TYR A 81 11.73 -22.53 6.11
C TYR A 81 12.67 -21.38 6.45
N LEU A 82 12.10 -20.33 7.05
CA LEU A 82 12.87 -19.22 7.59
C LEU A 82 12.56 -19.12 9.08
N GLN A 83 13.50 -19.54 9.92
CA GLN A 83 13.35 -19.46 11.36
C GLN A 83 13.84 -18.09 11.82
N MET A 84 12.91 -17.26 12.31
CA MET A 84 13.24 -15.93 12.79
C MET A 84 13.22 -15.94 14.32
N ASN A 85 14.36 -15.59 14.91
CA ASN A 85 14.49 -15.45 16.36
C ASN A 85 14.89 -14.02 16.71
N SER A 86 14.71 -13.68 17.99
CA SER A 86 15.10 -12.37 18.51
C SER A 86 14.44 -11.24 17.71
N LEU A 87 13.13 -11.36 17.51
CA LEU A 87 12.41 -10.40 16.69
C LEU A 87 12.34 -9.03 17.37
N ARG A 88 12.51 -7.99 16.58
CA ARG A 88 12.47 -6.61 17.05
C ARG A 88 11.49 -5.81 16.21
N ALA A 89 11.37 -4.52 16.51
CA ALA A 89 10.45 -3.67 15.76
C ALA A 89 10.91 -3.50 14.32
N GLU A 90 12.22 -3.49 14.08
CA GLU A 90 12.74 -3.35 12.73
C GLU A 90 12.26 -4.47 11.82
N ASP A 91 11.94 -5.64 12.39
CA ASP A 91 11.57 -6.81 11.61
C ASP A 91 10.13 -6.79 11.12
N THR A 92 9.34 -5.79 11.48
CA THR A 92 7.98 -5.69 10.97
C THR A 92 8.02 -5.38 9.47
N ALA A 93 7.50 -6.29 8.66
CA ALA A 93 7.55 -6.16 7.22
C ALA A 93 6.70 -7.26 6.58
N VAL A 94 6.51 -7.15 5.27
CA VAL A 94 5.97 -8.23 4.46
C VAL A 94 7.13 -9.04 3.91
N TYR A 95 7.07 -10.36 4.06
CA TYR A 95 8.18 -11.24 3.71
C TYR A 95 7.83 -12.01 2.45
N TYR A 96 8.50 -11.67 1.35
CA TYR A 96 8.40 -12.42 0.11
C TYR A 96 9.52 -13.46 0.05
N CYS A 97 9.21 -14.63 -0.48
CA CYS A 97 10.23 -15.57 -0.94
C CYS A 97 10.33 -15.44 -2.46
N ALA A 98 11.55 -15.49 -2.98
CA ALA A 98 11.79 -15.23 -4.39
C ALA A 98 12.82 -16.20 -4.92
N SER A 99 12.94 -16.24 -6.25
CA SER A 99 13.84 -17.17 -6.92
C SER A 99 14.23 -16.59 -8.28
N ALA A 100 15.48 -16.82 -8.66
CA ALA A 100 16.03 -16.37 -9.94
C ALA A 100 16.33 -17.63 -10.76
N THR A 101 15.37 -18.03 -11.59
CA THR A 101 15.41 -19.31 -12.29
C THR A 101 16.00 -19.21 -13.70
N ARG A 102 16.89 -18.26 -13.94
CA ARG A 102 17.56 -18.11 -15.24
C ARG A 102 19.07 -18.22 -14.98
N TYR A 103 19.63 -19.40 -15.22
CA TYR A 103 21.00 -19.65 -14.80
C TYR A 103 22.00 -18.90 -15.69
N ASP A 104 22.99 -18.31 -15.04
CA ASP A 104 24.19 -17.78 -15.68
C ASP A 104 25.35 -17.99 -14.71
N ILE A 105 26.47 -17.34 -14.97
CA ILE A 105 27.60 -17.43 -14.04
C ILE A 105 27.19 -16.91 -12.67
N LEU A 106 26.50 -15.78 -12.63
CA LEU A 106 25.86 -15.27 -11.43
C LEU A 106 24.36 -15.19 -11.68
N THR A 107 23.58 -15.51 -10.65
CA THR A 107 22.13 -15.42 -10.71
C THR A 107 21.62 -14.49 -9.61
N GLY A 108 20.50 -13.82 -9.88
CA GLY A 108 19.94 -12.91 -8.91
C GLY A 108 18.83 -12.03 -9.43
N ALA A 109 18.31 -12.36 -10.61
CA ALA A 109 17.17 -11.65 -11.19
C ALA A 109 15.91 -12.44 -10.86
N PHE A 110 15.19 -12.01 -9.83
CA PHE A 110 14.06 -12.75 -9.30
C PHE A 110 12.88 -12.64 -10.25
N ASP A 111 12.62 -13.69 -11.01
CA ASP A 111 11.45 -13.73 -11.89
C ASP A 111 10.21 -14.24 -11.17
N TYR A 112 10.37 -15.05 -10.13
CA TYR A 112 9.26 -15.63 -9.40
C TYR A 112 9.23 -15.07 -7.99
N TRP A 113 8.06 -14.61 -7.56
CA TRP A 113 7.81 -14.13 -6.21
C TRP A 113 6.55 -14.78 -5.67
N GLY A 114 6.24 -14.48 -4.40
CA GLY A 114 4.98 -14.84 -3.80
C GLY A 114 4.24 -13.59 -3.33
N GLN A 115 3.04 -13.83 -2.79
CA GLN A 115 2.24 -12.72 -2.29
C GLN A 115 2.80 -12.15 -0.99
N GLY A 116 3.62 -12.90 -0.27
CA GLY A 116 4.25 -12.41 0.93
C GLY A 116 3.39 -12.58 2.16
N THR A 117 4.05 -12.74 3.30
CA THR A 117 3.40 -12.84 4.59
C THR A 117 3.78 -11.64 5.45
N LEU A 118 2.78 -11.04 6.09
CA LEU A 118 3.02 -9.91 6.97
C LEU A 118 3.47 -10.39 8.35
N VAL A 119 4.52 -9.77 8.86
CA VAL A 119 5.03 -10.05 10.20
C VAL A 119 5.05 -8.73 10.95
N THR A 120 4.28 -8.64 12.03
CA THR A 120 4.20 -7.43 12.84
C THR A 120 4.72 -7.72 14.24
N VAL A 121 5.70 -6.93 14.67
CA VAL A 121 6.31 -7.10 15.99
C VAL A 121 5.92 -5.93 16.87
N VAL A 122 4.85 -6.10 17.66
CA VAL A 122 4.35 -5.05 18.53
C VAL A 122 4.03 -5.66 19.90
N SER A 123 3.94 -4.78 20.90
CA SER A 123 3.56 -5.16 22.25
C SER A 123 2.39 -4.31 22.75
N ARG A 124 1.59 -3.80 21.82
CA ARG A 124 0.47 -2.93 22.16
C ARG A 124 -0.61 -3.14 21.11
N ARG A 125 -1.79 -3.57 21.55
CA ARG A 125 -2.88 -3.92 20.63
C ARG A 125 -4.18 -3.32 21.13
N LEU A 126 -4.86 -2.56 20.27
CA LEU A 126 -6.15 -1.98 20.59
C LEU A 126 -7.10 -2.18 19.43
N PRO A 127 -8.35 -2.59 19.69
CA PRO A 127 -9.25 -2.95 18.60
C PRO A 127 -9.86 -1.72 17.96
N PRO A 128 -10.37 -1.84 16.73
CA PRO A 128 -11.02 -0.71 16.07
C PRO A 128 -12.50 -0.61 16.42
N SER A 129 -12.97 0.63 16.47
CA SER A 129 -14.39 0.93 16.54
C SER A 129 -14.85 1.40 15.17
N VAL A 130 -15.91 0.79 14.66
CA VAL A 130 -16.39 1.02 13.30
C VAL A 130 -17.71 1.78 13.35
N PHE A 131 -17.80 2.87 12.60
CA PHE A 131 -19.00 3.68 12.54
C PHE A 131 -19.40 3.91 11.10
N PRO A 132 -20.69 3.83 10.79
CA PRO A 132 -21.13 4.04 9.40
C PRO A 132 -21.03 5.50 9.00
N LEU A 133 -20.60 5.73 7.75
CA LEU A 133 -20.66 7.04 7.12
C LEU A 133 -21.84 7.00 6.16
N ALA A 134 -23.00 7.46 6.63
CA ALA A 134 -24.25 7.18 5.94
C ALA A 134 -24.49 8.16 4.80
N PRO A 135 -25.05 7.68 3.70
CA PRO A 135 -25.42 8.58 2.60
C PRO A 135 -26.64 9.41 2.99
N SER A 136 -26.60 10.69 2.64
CA SER A 136 -27.68 11.63 2.94
C SER A 136 -27.86 12.54 1.73
N SER A 137 -28.69 13.57 1.89
CA SER A 137 -28.80 14.60 0.86
C SER A 137 -27.52 15.41 0.75
N LYS A 138 -26.67 15.39 1.77
CA LYS A 138 -25.41 16.12 1.78
C LYS A 138 -24.26 15.32 1.20
N SER A 139 -24.41 14.00 1.05
CA SER A 139 -23.43 13.16 0.41
C SER A 139 -23.98 12.55 -0.88
N THR A 140 -24.79 13.34 -1.60
CA THR A 140 -25.37 12.93 -2.87
C THR A 140 -25.14 14.06 -3.87
N SER A 141 -24.09 13.94 -4.66
CA SER A 141 -23.78 14.92 -5.70
C SER A 141 -24.46 14.45 -6.99
N GLY A 142 -25.69 14.89 -7.18
CA GLY A 142 -26.44 14.48 -8.36
C GLY A 142 -26.94 13.05 -8.21
N GLY A 143 -26.63 12.22 -9.22
CA GLY A 143 -27.04 10.83 -9.19
C GLY A 143 -26.12 9.91 -8.43
N THR A 144 -24.95 10.39 -8.01
CA THR A 144 -23.98 9.59 -7.27
C THR A 144 -24.16 9.82 -5.78
N ALA A 145 -24.14 8.72 -5.02
CA ALA A 145 -24.18 8.77 -3.56
C ALA A 145 -22.92 8.14 -3.00
N ALA A 146 -22.38 8.77 -1.95
CA ALA A 146 -21.21 8.25 -1.26
C ALA A 146 -21.62 7.71 0.11
N LEU A 147 -21.03 6.59 0.49
CA LEU A 147 -21.18 6.02 1.82
C LEU A 147 -19.87 5.37 2.21
N GLY A 148 -19.74 5.02 3.48
CA GLY A 148 -18.49 4.45 3.92
C GLY A 148 -18.52 4.00 5.36
N CYS A 149 -17.33 3.77 5.90
CA CYS A 149 -17.13 3.29 7.26
C CYS A 149 -15.93 4.00 7.86
N LEU A 150 -16.08 4.47 9.10
CA LEU A 150 -14.99 5.07 9.85
C LEU A 150 -14.43 4.02 10.80
N VAL A 151 -13.15 3.69 10.63
CA VAL A 151 -12.45 2.70 11.44
C VAL A 151 -11.44 3.44 12.29
N LYS A 152 -11.69 3.49 13.60
CA LYS A 152 -11.07 4.50 14.46
C LYS A 152 -10.44 3.87 15.69
N ASP A 153 -9.36 4.50 16.15
CA ASP A 153 -8.76 4.24 17.47
C ASP A 153 -8.26 2.81 17.60
N TYR A 154 -7.54 2.34 16.59
CA TYR A 154 -7.00 0.99 16.58
C TYR A 154 -5.48 1.02 16.50
N PHE A 155 -4.88 -0.12 16.83
CA PHE A 155 -3.42 -0.28 16.86
C PHE A 155 -3.08 -1.75 17.01
N PRO A 156 -2.10 -2.27 16.26
CA PRO A 156 -1.35 -1.52 15.25
C PRO A 156 -1.98 -1.63 13.86
N GLU A 157 -1.28 -1.11 12.85
CA GLU A 157 -1.68 -1.32 11.48
C GLU A 157 -1.41 -2.79 11.09
N PRO A 158 -2.14 -3.31 10.10
CA PRO A 158 -3.21 -2.66 9.35
C PRO A 158 -4.59 -3.26 9.60
N VAL A 159 -5.63 -2.53 9.20
CA VAL A 159 -6.99 -3.07 9.13
C VAL A 159 -7.31 -3.34 7.67
N THR A 160 -7.84 -4.53 7.40
CA THR A 160 -8.41 -4.82 6.09
C THR A 160 -9.91 -4.53 6.14
N VAL A 161 -10.40 -3.83 5.13
CA VAL A 161 -11.82 -3.52 5.04
C VAL A 161 -12.29 -3.90 3.65
N SER A 162 -13.24 -4.84 3.58
CA SER A 162 -13.89 -5.22 2.34
C SER A 162 -15.36 -4.81 2.41
N TRP A 163 -15.97 -4.70 1.24
CA TRP A 163 -17.37 -4.31 1.11
C TRP A 163 -18.16 -5.48 0.54
N ASN A 164 -19.14 -5.96 1.32
CA ASN A 164 -19.97 -7.10 0.92
C ASN A 164 -19.13 -8.34 0.65
N SER A 165 -18.16 -8.59 1.54
CA SER A 165 -17.35 -9.80 1.52
C SER A 165 -16.54 -9.95 0.24
N GLY A 166 -16.08 -8.83 -0.33
CA GLY A 166 -15.28 -8.85 -1.53
C GLY A 166 -16.04 -8.70 -2.83
N ALA A 167 -17.38 -8.75 -2.79
CA ALA A 167 -18.15 -8.63 -4.02
C ALA A 167 -18.07 -7.22 -4.59
N LEU A 168 -17.93 -6.20 -3.74
CA LEU A 168 -17.95 -4.81 -4.16
C LEU A 168 -16.55 -4.22 -3.99
N THR A 169 -15.92 -3.87 -5.11
CA THR A 169 -14.63 -3.20 -5.11
C THR A 169 -14.55 -1.99 -6.03
N SER A 170 -15.44 -1.87 -7.01
CA SER A 170 -15.37 -0.77 -7.96
C SER A 170 -15.72 0.55 -7.28
N GLY A 171 -14.91 1.58 -7.53
CA GLY A 171 -15.15 2.87 -6.91
C GLY A 171 -14.90 2.91 -5.43
N VAL A 172 -14.19 1.93 -4.88
CA VAL A 172 -13.89 1.88 -3.45
C VAL A 172 -12.55 2.56 -3.20
N HIS A 173 -12.52 3.44 -2.21
CA HIS A 173 -11.30 4.09 -1.76
C HIS A 173 -11.13 3.83 -0.27
N THR A 174 -10.05 3.13 0.09
CA THR A 174 -9.66 2.95 1.49
C THR A 174 -8.44 3.82 1.74
N PHE A 175 -8.62 4.88 2.51
CA PHE A 175 -7.56 5.86 2.70
C PHE A 175 -6.46 5.30 3.59
N PRO A 176 -5.22 5.72 3.35
CA PRO A 176 -4.14 5.38 4.29
C PRO A 176 -4.47 5.91 5.68
N ALA A 177 -4.06 5.14 6.69
CA ALA A 177 -4.37 5.49 8.06
C ALA A 177 -3.68 6.79 8.48
N VAL A 178 -4.33 7.54 9.34
CA VAL A 178 -3.74 8.72 9.97
C VAL A 178 -3.39 8.37 11.41
N LEU A 179 -2.39 9.05 11.94
CA LEU A 179 -1.96 8.85 13.32
C LEU A 179 -2.58 9.95 14.18
N GLN A 180 -3.46 9.54 15.09
CA GLN A 180 -4.16 10.49 15.94
C GLN A 180 -3.26 10.98 17.07
N SER A 181 -3.77 11.95 17.83
CA SER A 181 -3.07 12.38 19.04
C SER A 181 -2.94 11.24 20.03
N SER A 182 -3.85 10.27 19.99
CA SER A 182 -3.83 9.15 20.91
C SER A 182 -2.65 8.23 20.68
N GLY A 183 -1.96 8.35 19.55
CA GLY A 183 -1.05 7.33 19.10
C GLY A 183 -1.73 6.17 18.41
N LEU A 184 -3.06 6.15 18.37
CA LEU A 184 -3.82 5.14 17.66
C LEU A 184 -4.10 5.61 16.23
N TYR A 185 -4.50 4.66 15.39
CA TYR A 185 -4.74 4.93 13.98
C TYR A 185 -6.22 5.09 13.70
N SER A 186 -6.51 5.70 12.57
CA SER A 186 -7.89 5.90 12.12
C SER A 186 -7.87 6.04 10.60
N LEU A 187 -8.83 5.39 9.94
CA LEU A 187 -8.98 5.54 8.50
C LEU A 187 -10.45 5.47 8.15
N SER A 188 -10.75 5.78 6.89
CA SER A 188 -12.09 5.64 6.34
C SER A 188 -12.02 4.83 5.07
N SER A 189 -13.11 4.10 4.80
CA SER A 189 -13.30 3.39 3.54
C SER A 189 -14.61 3.88 2.94
N VAL A 190 -14.53 4.49 1.75
CA VAL A 190 -15.70 5.06 1.10
C VAL A 190 -15.90 4.38 -0.24
N VAL A 191 -17.14 4.47 -0.73
CA VAL A 191 -17.51 3.92 -2.03
C VAL A 191 -18.63 4.78 -2.60
N THR A 192 -18.61 4.95 -3.92
CA THR A 192 -19.63 5.71 -4.62
C THR A 192 -20.60 4.75 -5.32
N VAL A 193 -21.89 5.02 -5.17
CA VAL A 193 -22.94 4.17 -5.72
C VAL A 193 -24.03 5.07 -6.30
N PRO A 194 -24.91 4.51 -7.14
CA PRO A 194 -26.04 5.30 -7.62
C PRO A 194 -26.96 5.71 -6.48
N SER A 195 -27.44 6.95 -6.53
CA SER A 195 -28.39 7.42 -5.53
C SER A 195 -29.68 6.62 -5.57
N SER A 196 -30.08 6.18 -6.78
CA SER A 196 -31.32 5.44 -6.95
C SER A 196 -31.28 4.04 -6.34
N SER A 197 -30.11 3.56 -5.94
CA SER A 197 -29.94 2.17 -5.52
C SER A 197 -29.95 2.00 -4.00
N LEU A 198 -29.95 3.09 -3.24
CA LEU A 198 -29.78 2.97 -1.79
C LEU A 198 -30.92 2.21 -1.13
N GLY A 199 -32.14 2.33 -1.67
CA GLY A 199 -33.26 1.61 -1.11
C GLY A 199 -33.36 0.16 -1.52
N THR A 200 -32.62 -0.26 -2.55
CA THR A 200 -32.70 -1.62 -3.06
C THR A 200 -31.41 -2.42 -2.91
N GLN A 201 -30.25 -1.77 -2.78
CA GLN A 201 -28.99 -2.45 -2.58
C GLN A 201 -28.57 -2.38 -1.11
N THR A 202 -27.77 -3.36 -0.70
CA THR A 202 -27.28 -3.45 0.67
C THR A 202 -25.76 -3.32 0.66
N TYR A 203 -25.23 -2.50 1.57
CA TYR A 203 -23.80 -2.23 1.64
C TYR A 203 -23.30 -2.50 3.04
N ILE A 204 -22.45 -3.53 3.17
CA ILE A 204 -21.87 -3.93 4.45
C ILE A 204 -20.35 -3.86 4.31
N CYS A 205 -19.72 -3.05 5.15
CA CYS A 205 -18.27 -3.01 5.21
C CYS A 205 -17.78 -4.03 6.24
N ASN A 206 -16.81 -4.85 5.83
CA ASN A 206 -16.25 -5.88 6.69
C ASN A 206 -14.87 -5.42 7.14
N VAL A 207 -14.71 -5.15 8.44
CA VAL A 207 -13.46 -4.66 8.99
C VAL A 207 -12.83 -5.78 9.81
N ASN A 208 -11.59 -6.11 9.48
CA ASN A 208 -10.85 -7.17 10.15
C ASN A 208 -9.56 -6.61 10.72
N HIS A 209 -9.29 -6.91 12.00
CA HIS A 209 -8.09 -6.46 12.69
C HIS A 209 -7.50 -7.66 13.42
N LYS A 210 -6.61 -8.38 12.74
CA LYS A 210 -6.04 -9.61 13.31
C LYS A 210 -5.33 -9.42 14.65
N PRO A 211 -4.53 -8.37 14.87
CA PRO A 211 -3.88 -8.23 16.19
C PRO A 211 -4.85 -8.25 17.36
N SER A 212 -6.06 -7.72 17.18
CA SER A 212 -7.03 -7.65 18.27
C SER A 212 -8.12 -8.71 18.17
N ASN A 213 -8.05 -9.59 17.17
CA ASN A 213 -9.09 -10.58 16.90
C ASN A 213 -10.45 -9.91 16.78
N THR A 214 -10.50 -8.86 15.95
CA THR A 214 -11.71 -8.07 15.75
C THR A 214 -12.19 -8.27 14.32
N LYS A 215 -13.35 -8.90 14.18
CA LYS A 215 -14.02 -9.05 12.90
C LYS A 215 -15.44 -8.50 13.06
N VAL A 216 -15.75 -7.46 12.29
CA VAL A 216 -17.03 -6.79 12.39
C VAL A 216 -17.61 -6.56 11.00
N ASP A 217 -18.94 -6.65 10.92
CA ASP A 217 -19.70 -6.27 9.74
C ASP A 217 -20.68 -5.20 10.14
N LYS A 218 -20.74 -4.12 9.36
CA LYS A 218 -21.60 -2.98 9.67
C LYS A 218 -22.39 -2.59 8.44
N LYS A 219 -23.69 -2.84 8.48
CA LYS A 219 -24.58 -2.39 7.41
C LYS A 219 -24.68 -0.87 7.43
N VAL A 220 -24.31 -0.23 6.32
CA VAL A 220 -24.36 1.22 6.20
C VAL A 220 -25.74 1.57 5.66
N GLU A 221 -26.68 1.84 6.57
CA GLU A 221 -28.02 2.21 6.17
C GLU A 221 -28.08 3.69 5.82
N PRO A 222 -28.89 4.07 4.83
CA PRO A 222 -28.95 5.47 4.41
C PRO A 222 -29.71 6.31 5.44
N LYS A 223 -29.09 7.39 5.88
CA LYS A 223 -29.79 8.43 6.64
C LYS A 223 -30.55 9.28 5.62
N SER A 224 -31.85 9.02 5.48
CA SER A 224 -32.68 9.56 4.40
C SER A 224 -32.73 11.09 4.39
N CYS A 225 -32.07 11.73 5.37
CA CYS A 225 -32.00 13.18 5.45
C CYS A 225 -31.53 13.82 4.14
N ILE B 2 27.58 -3.84 -1.02
CA ILE B 2 27.45 -2.92 -2.14
C ILE B 2 26.17 -2.10 -2.01
N GLN B 3 26.31 -0.79 -2.02
CA GLN B 3 25.19 0.13 -1.90
C GLN B 3 24.72 0.58 -3.28
N MET B 4 23.40 0.70 -3.44
CA MET B 4 22.80 1.19 -4.67
C MET B 4 22.07 2.50 -4.38
N THR B 5 21.93 3.31 -5.44
CA THR B 5 21.25 4.59 -5.33
C THR B 5 20.54 4.88 -6.64
N GLN B 6 19.32 5.37 -6.55
CA GLN B 6 18.49 5.68 -7.71
C GLN B 6 18.19 7.17 -7.73
N SER B 7 18.07 7.71 -8.95
CA SER B 7 17.78 9.13 -9.15
C SER B 7 16.80 9.25 -10.32
N PRO B 8 15.70 10.00 -10.16
CA PRO B 8 15.35 10.64 -8.89
C PRO B 8 14.62 9.68 -7.96
N SER B 9 14.02 10.21 -6.89
CA SER B 9 13.17 9.39 -6.03
C SER B 9 11.70 9.47 -6.46
N THR B 10 11.26 10.63 -6.92
CA THR B 10 9.92 10.81 -7.48
C THR B 10 10.05 11.45 -8.85
N LEU B 11 9.13 11.07 -9.75
CA LEU B 11 9.13 11.61 -11.11
C LEU B 11 7.70 11.66 -11.61
N SER B 12 7.33 12.80 -12.20
CA SER B 12 6.03 12.99 -12.82
C SER B 12 6.21 13.16 -14.32
N ALA B 13 5.29 12.60 -15.10
CA ALA B 13 5.38 12.68 -16.55
C ALA B 13 4.02 12.38 -17.16
N SER B 14 3.80 12.92 -18.35
CA SER B 14 2.54 12.72 -19.05
C SER B 14 2.55 11.39 -19.81
N VAL B 15 1.35 10.94 -20.18
CA VAL B 15 1.22 9.73 -20.99
C VAL B 15 1.78 10.00 -22.38
N GLY B 16 2.74 9.18 -22.79
CA GLY B 16 3.45 9.37 -24.04
C GLY B 16 4.85 9.92 -23.89
N ASP B 17 5.18 10.47 -22.72
CA ASP B 17 6.51 11.00 -22.48
C ASP B 17 7.53 9.88 -22.34
N ARG B 18 8.79 10.24 -22.50
CA ARG B 18 9.91 9.30 -22.35
C ARG B 18 10.62 9.62 -21.04
N VAL B 19 10.64 8.65 -20.13
CA VAL B 19 11.20 8.84 -18.79
C VAL B 19 12.44 7.99 -18.65
N THR B 20 13.35 8.42 -17.78
CA THR B 20 14.62 7.76 -17.55
C THR B 20 14.91 7.67 -16.05
N ILE B 21 15.37 6.49 -15.62
CA ILE B 21 15.72 6.23 -14.22
C ILE B 21 17.17 5.80 -14.18
N THR B 22 17.96 6.45 -13.33
CA THR B 22 19.38 6.15 -13.19
C THR B 22 19.65 5.44 -11.88
N CYS B 23 20.46 4.38 -11.94
CA CYS B 23 20.90 3.64 -10.77
C CYS B 23 22.42 3.73 -10.66
N ARG B 24 22.91 3.91 -9.43
CA ARG B 24 24.33 4.10 -9.17
C ARG B 24 24.80 3.11 -8.11
N ALA B 25 25.94 2.48 -8.34
CA ALA B 25 26.48 1.46 -7.45
C ALA B 25 27.67 2.01 -6.67
N SER B 26 27.83 1.50 -5.44
CA SER B 26 28.93 1.95 -4.59
C SER B 26 30.28 1.52 -5.16
N GLN B 27 30.44 0.22 -5.43
CA GLN B 27 31.58 -0.29 -6.17
C GLN B 27 31.08 -0.76 -7.54
N SER B 28 32.00 -1.27 -8.35
CA SER B 28 31.73 -1.53 -9.76
C SER B 28 31.12 -2.91 -9.93
N ILE B 29 29.79 -2.96 -9.98
CA ILE B 29 29.10 -4.15 -10.48
C ILE B 29 29.18 -4.12 -12.00
N SER B 30 29.68 -5.20 -12.59
CA SER B 30 29.99 -5.19 -14.01
C SER B 30 28.73 -5.04 -14.87
N THR B 31 27.94 -6.10 -14.99
CA THR B 31 26.72 -6.03 -15.78
C THR B 31 25.53 -6.70 -15.09
N TRP B 32 25.68 -7.17 -13.86
CA TRP B 32 24.64 -7.94 -13.19
C TRP B 32 23.70 -6.98 -12.46
N LEU B 33 22.68 -6.50 -13.18
CA LEU B 33 21.69 -5.61 -12.62
C LEU B 33 20.30 -6.03 -13.09
N ALA B 34 19.31 -5.82 -12.23
CA ALA B 34 17.92 -6.13 -12.54
C ALA B 34 17.04 -4.93 -12.19
N TRP B 35 16.04 -4.68 -13.02
CA TRP B 35 15.05 -3.64 -12.78
C TRP B 35 13.70 -4.27 -12.48
N TYR B 36 13.03 -3.78 -11.46
CA TYR B 36 11.75 -4.32 -11.02
C TYR B 36 10.68 -3.24 -11.07
N GLN B 37 9.45 -3.66 -11.32
CA GLN B 37 8.27 -2.81 -11.19
C GLN B 37 7.39 -3.35 -10.08
N GLN B 38 6.99 -2.47 -9.16
CA GLN B 38 6.11 -2.87 -8.07
C GLN B 38 4.97 -1.84 -7.97
N LYS B 39 3.80 -2.22 -8.46
CA LYS B 39 2.61 -1.47 -8.11
C LYS B 39 2.19 -1.84 -6.69
N PRO B 40 1.67 -0.89 -5.91
CA PRO B 40 1.56 -1.09 -4.45
C PRO B 40 0.74 -2.30 -4.03
N GLY B 41 -0.03 -2.90 -4.93
CA GLY B 41 -0.93 -3.97 -4.53
C GLY B 41 -0.30 -5.34 -4.44
N LYS B 42 0.75 -5.60 -5.22
CA LYS B 42 1.28 -6.95 -5.37
C LYS B 42 2.80 -6.96 -5.24
N ALA B 43 3.37 -8.15 -5.45
CA ALA B 43 4.81 -8.33 -5.41
C ALA B 43 5.46 -7.69 -6.63
N PRO B 44 6.76 -7.39 -6.55
CA PRO B 44 7.44 -6.80 -7.71
C PRO B 44 7.48 -7.76 -8.90
N LYS B 45 7.50 -7.18 -10.09
CA LYS B 45 7.62 -7.93 -11.34
C LYS B 45 8.95 -7.57 -11.98
N LEU B 46 9.71 -8.59 -12.37
CA LEU B 46 11.01 -8.37 -12.99
C LEU B 46 10.84 -7.85 -14.42
N LEU B 47 11.61 -6.82 -14.76
CA LEU B 47 11.50 -6.17 -16.05
C LEU B 47 12.66 -6.46 -16.98
N ILE B 48 13.90 -6.19 -16.55
CA ILE B 48 15.10 -6.52 -17.31
C ILE B 48 16.14 -7.08 -16.36
N TYR B 49 17.07 -7.84 -16.92
CA TYR B 49 18.17 -8.41 -16.15
C TYR B 49 19.48 -8.22 -16.92
N LYS B 50 20.58 -8.49 -16.22
CA LYS B 50 21.93 -8.10 -16.61
C LYS B 50 21.95 -6.80 -17.41
N ALA B 51 21.46 -5.73 -16.79
CA ALA B 51 21.58 -4.35 -17.26
C ALA B 51 20.75 -4.04 -18.51
N SER B 52 20.73 -4.94 -19.50
CA SER B 52 20.13 -4.57 -20.77
C SER B 52 19.14 -5.59 -21.30
N SER B 53 19.30 -6.86 -20.94
CA SER B 53 18.47 -7.91 -21.48
C SER B 53 17.07 -7.88 -20.88
N LEU B 54 16.06 -7.85 -21.75
CA LEU B 54 14.66 -7.80 -21.35
C LEU B 54 14.01 -9.17 -21.54
N GLU B 55 13.08 -9.49 -20.64
CA GLU B 55 12.26 -10.68 -20.80
C GLU B 55 10.85 -10.44 -20.27
N GLY B 57 9.63 -7.80 -18.16
CA GLY B 57 8.97 -6.58 -18.60
C GLY B 57 8.72 -6.61 -20.10
N VAL B 58 7.76 -7.45 -20.49
CA VAL B 58 7.47 -7.81 -21.89
C VAL B 58 7.05 -6.67 -22.82
N PRO B 59 6.55 -5.53 -22.34
CA PRO B 59 6.38 -4.40 -23.27
C PRO B 59 7.71 -3.98 -23.86
N SER B 60 7.75 -3.87 -25.19
CA SER B 60 8.98 -3.49 -25.88
C SER B 60 9.39 -2.04 -25.57
N ARG B 61 8.59 -1.30 -24.82
CA ARG B 61 8.88 0.10 -24.54
C ARG B 61 9.91 0.29 -23.43
N PHE B 62 10.32 -0.79 -22.75
CA PHE B 62 11.32 -0.69 -21.70
C PHE B 62 12.71 -0.91 -22.26
N SER B 63 13.71 -0.32 -21.60
CA SER B 63 15.07 -0.35 -22.11
C SER B 63 16.05 -0.23 -20.95
N GLY B 64 17.18 -0.91 -21.07
CA GLY B 64 18.18 -0.90 -20.02
C GLY B 64 19.57 -0.59 -20.56
N SER B 65 20.31 0.21 -19.82
CA SER B 65 21.66 0.57 -20.22
C SER B 65 22.59 0.60 -19.01
N GLY B 66 23.89 0.55 -19.27
CA GLY B 66 24.85 0.77 -18.21
C GLY B 66 25.91 -0.29 -18.02
N SER B 67 26.95 0.08 -17.28
CA SER B 67 28.09 -0.78 -16.93
C SER B 67 28.91 -0.08 -15.87
N GLY B 68 29.60 -0.88 -15.06
CA GLY B 68 30.44 -0.33 -14.02
C GLY B 68 29.67 0.13 -12.79
N THR B 69 29.27 1.40 -12.77
CA THR B 69 28.52 1.95 -11.65
C THR B 69 27.32 2.79 -12.05
N GLU B 70 27.10 3.04 -13.34
CA GLU B 70 26.02 3.91 -13.80
C GLU B 70 25.11 3.11 -14.73
N PHE B 71 23.85 2.98 -14.35
CA PHE B 71 22.85 2.23 -15.12
C PHE B 71 21.60 3.06 -15.28
N THR B 72 20.86 2.80 -16.35
CA THR B 72 19.68 3.60 -16.69
C THR B 72 18.57 2.71 -17.25
N LEU B 73 17.35 2.96 -16.78
CA LEU B 73 16.14 2.33 -17.29
C LEU B 73 15.25 3.41 -17.89
N THR B 74 14.79 3.20 -19.12
CA THR B 74 13.99 4.17 -19.83
C THR B 74 12.72 3.52 -20.38
N ILE B 75 11.65 4.31 -20.42
CA ILE B 75 10.37 3.88 -20.96
C ILE B 75 10.14 4.66 -22.26
N SER B 76 10.03 3.93 -23.37
CA SER B 76 9.82 4.56 -24.67
C SER B 76 8.63 5.51 -24.64
N SER B 77 7.45 4.97 -24.39
CA SER B 77 6.23 5.76 -24.36
C SER B 77 5.45 5.43 -23.10
N LEU B 78 5.30 6.42 -22.22
CA LEU B 78 4.65 6.17 -20.95
C LEU B 78 3.16 5.91 -21.15
N GLN B 79 2.71 4.78 -20.68
CA GLN B 79 1.33 4.37 -20.59
C GLN B 79 0.84 4.53 -19.16
N PRO B 80 -0.46 4.77 -18.94
CA PRO B 80 -0.95 4.99 -17.57
C PRO B 80 -0.83 3.78 -16.65
N ASP B 81 -0.59 2.59 -17.20
CA ASP B 81 -0.44 1.41 -16.35
C ASP B 81 0.88 1.39 -15.60
N ASP B 82 1.79 2.32 -15.88
CA ASP B 82 3.13 2.31 -15.32
C ASP B 82 3.29 3.19 -14.08
N PHE B 83 2.19 3.54 -13.41
CA PHE B 83 2.28 4.22 -12.13
C PHE B 83 2.73 3.22 -11.09
N ALA B 84 4.01 3.24 -10.75
CA ALA B 84 4.56 2.28 -9.80
C ALA B 84 5.90 2.79 -9.31
N THR B 85 6.45 2.09 -8.33
CA THR B 85 7.81 2.31 -7.87
C THR B 85 8.73 1.33 -8.57
N TYR B 86 9.87 1.82 -9.05
CA TYR B 86 10.82 1.01 -9.80
C TYR B 86 12.12 0.88 -9.00
N TYR B 87 12.61 -0.35 -8.90
CA TYR B 87 13.81 -0.65 -8.13
C TYR B 87 14.90 -1.20 -9.05
N CYS B 88 16.13 -0.81 -8.81
CA CYS B 88 17.29 -1.48 -9.39
C CYS B 88 17.88 -2.42 -8.35
N GLN B 89 18.51 -3.48 -8.82
CA GLN B 89 19.10 -4.48 -7.92
C GLN B 89 20.32 -5.08 -8.58
N GLN B 90 21.45 -5.06 -7.88
CA GLN B 90 22.67 -5.70 -8.36
C GLN B 90 22.75 -7.12 -7.82
N TYR B 91 23.39 -8.00 -8.61
CA TYR B 91 23.67 -9.35 -8.18
C TYR B 91 25.05 -9.78 -8.70
N SER B 92 26.06 -8.99 -8.35
CA SER B 92 27.46 -9.31 -8.56
C SER B 92 28.12 -9.82 -7.29
N ARG B 93 28.05 -9.03 -6.21
CA ARG B 93 28.48 -9.44 -4.88
C ARG B 93 27.23 -9.52 -4.02
N TYR B 94 26.67 -10.72 -3.91
CA TYR B 94 25.43 -10.99 -3.20
C TYR B 94 24.31 -10.20 -3.88
N TRP B 95 23.30 -9.74 -3.14
CA TRP B 95 22.11 -9.14 -3.73
C TRP B 95 21.68 -7.96 -2.87
N THR B 96 21.65 -6.76 -3.47
CA THR B 96 21.24 -5.56 -2.77
C THR B 96 20.37 -4.71 -3.69
N PHE B 97 19.36 -4.07 -3.10
CA PHE B 97 18.38 -3.29 -3.84
C PHE B 97 18.70 -1.80 -3.79
N GLY B 98 18.02 -1.05 -4.67
CA GLY B 98 17.98 0.39 -4.56
C GLY B 98 16.76 0.86 -3.78
N GLN B 99 16.73 2.17 -3.50
CA GLN B 99 15.65 2.69 -2.66
C GLN B 99 14.32 2.76 -3.42
N GLY B 100 14.35 2.97 -4.72
CA GLY B 100 13.15 2.96 -5.52
C GLY B 100 12.84 4.33 -6.11
N THR B 101 12.02 4.32 -7.16
CA THR B 101 11.61 5.56 -7.82
C THR B 101 10.12 5.51 -8.10
N LYS B 102 9.39 6.44 -7.50
CA LYS B 102 7.97 6.61 -7.75
C LYS B 102 7.76 7.35 -9.07
N VAL B 103 6.90 6.81 -9.92
CA VAL B 103 6.61 7.40 -11.22
C VAL B 103 5.14 7.80 -11.20
N GLU B 104 4.89 9.08 -10.90
CA GLU B 104 3.55 9.64 -10.98
C GLU B 104 3.23 10.04 -12.42
N ILE B 105 1.94 10.10 -12.73
CA ILE B 105 1.46 10.43 -14.06
C ILE B 105 0.80 11.80 -14.02
N LYS B 106 1.00 12.58 -15.08
CA LYS B 106 0.41 13.91 -15.22
C LYS B 106 -0.73 13.83 -16.22
N ARG B 107 -1.95 14.06 -15.75
CA ARG B 107 -3.14 14.09 -16.57
C ARG B 107 -3.70 15.50 -16.61
N THR B 108 -4.84 15.65 -17.26
CA THR B 108 -5.50 16.95 -17.29
C THR B 108 -6.25 17.21 -15.99
N VAL B 109 -6.62 18.48 -15.80
CA VAL B 109 -7.31 18.89 -14.59
C VAL B 109 -8.63 18.14 -14.44
N ALA B 110 -8.97 17.79 -13.22
CA ALA B 110 -10.25 17.15 -12.89
C ALA B 110 -10.71 17.67 -11.54
N ALA B 111 -11.89 18.29 -11.51
CA ALA B 111 -12.41 18.84 -10.27
C ALA B 111 -12.91 17.73 -9.35
N PRO B 112 -12.88 17.96 -8.03
CA PRO B 112 -13.35 16.93 -7.10
C PRO B 112 -14.85 17.02 -6.84
N SER B 113 -15.47 15.85 -6.73
CA SER B 113 -16.83 15.75 -6.22
C SER B 113 -16.77 15.67 -4.69
N VAL B 114 -17.52 16.54 -4.03
CA VAL B 114 -17.40 16.74 -2.59
C VAL B 114 -18.64 16.19 -1.90
N PHE B 115 -18.40 15.37 -0.88
CA PHE B 115 -19.45 14.83 -0.03
C PHE B 115 -19.09 15.11 1.43
N ILE B 116 -20.10 15.14 2.28
CA ILE B 116 -19.90 15.35 3.70
C ILE B 116 -20.77 14.38 4.49
N PHE B 117 -20.24 13.86 5.59
CA PHE B 117 -20.94 12.87 6.41
C PHE B 117 -21.06 13.40 7.83
N PRO B 118 -22.27 13.56 8.36
CA PRO B 118 -22.42 13.87 9.79
C PRO B 118 -22.02 12.69 10.63
N PRO B 119 -21.69 12.91 11.91
CA PRO B 119 -21.32 11.78 12.77
C PRO B 119 -22.48 10.81 12.94
N SER B 120 -22.14 9.53 13.00
CA SER B 120 -23.15 8.49 13.18
C SER B 120 -23.77 8.58 14.57
N ASP B 121 -24.97 8.02 14.69
CA ASP B 121 -25.65 8.00 15.99
C ASP B 121 -24.87 7.13 16.99
N GLU B 122 -24.26 6.04 16.52
CA GLU B 122 -23.54 5.14 17.41
C GLU B 122 -22.31 5.79 17.99
N GLN B 123 -21.55 6.55 17.18
CA GLN B 123 -20.37 7.21 17.70
C GLN B 123 -20.71 8.32 18.68
N LEU B 124 -21.83 9.02 18.46
CA LEU B 124 -22.22 10.09 19.35
C LEU B 124 -22.55 9.56 20.75
N LYS B 125 -23.16 8.37 20.82
CA LYS B 125 -23.49 7.78 22.11
C LYS B 125 -22.25 7.48 22.96
N SER B 126 -21.08 7.45 22.34
CA SER B 126 -19.83 7.13 23.03
C SER B 126 -19.01 8.34 23.44
N GLY B 127 -19.41 9.54 23.01
CA GLY B 127 -18.81 10.78 23.50
C GLY B 127 -17.98 11.57 22.52
N THR B 128 -17.82 11.10 21.28
CA THR B 128 -17.02 11.81 20.29
C THR B 128 -17.82 11.96 19.00
N ALA B 129 -17.63 13.10 18.33
CA ALA B 129 -18.24 13.37 17.04
C ALA B 129 -17.13 13.60 16.01
N SER B 130 -17.11 12.77 14.97
CA SER B 130 -16.17 12.92 13.87
C SER B 130 -16.97 13.26 12.60
N VAL B 131 -16.66 14.41 12.01
CA VAL B 131 -17.30 14.88 10.79
C VAL B 131 -16.32 14.70 9.64
N VAL B 132 -16.76 13.99 8.60
CA VAL B 132 -15.88 13.59 7.50
C VAL B 132 -16.31 14.31 6.23
N CYS B 133 -15.34 14.93 5.55
CA CYS B 133 -15.54 15.55 4.25
C CYS B 133 -14.70 14.79 3.23
N LEU B 134 -15.32 14.42 2.11
CA LEU B 134 -14.67 13.58 1.11
C LEU B 134 -14.51 14.34 -0.20
N LEU B 135 -13.31 14.30 -0.76
CA LEU B 135 -13.01 14.82 -2.08
C LEU B 135 -12.62 13.64 -2.96
N ASN B 136 -13.41 13.37 -3.99
CA ASN B 136 -13.28 12.13 -4.77
C ASN B 136 -12.84 12.43 -6.19
N ASN B 137 -11.83 11.68 -6.66
CA ASN B 137 -11.43 11.62 -8.07
C ASN B 137 -11.14 13.02 -8.63
N PHE B 138 -10.01 13.57 -8.17
CA PHE B 138 -9.56 14.88 -8.63
C PHE B 138 -8.08 14.83 -9.01
N TYR B 139 -7.67 15.85 -9.77
CA TYR B 139 -6.29 16.06 -10.15
C TYR B 139 -6.12 17.54 -10.49
N PRO B 140 -5.02 18.18 -10.10
CA PRO B 140 -3.86 17.61 -9.38
C PRO B 140 -4.10 17.39 -7.89
N ARG B 141 -3.06 16.91 -7.20
CA ARG B 141 -3.20 16.49 -5.81
C ARG B 141 -3.47 17.66 -4.87
N GLU B 142 -2.98 18.85 -5.21
CA GLU B 142 -3.09 19.99 -4.30
C GLU B 142 -4.54 20.44 -4.18
N ALA B 143 -5.02 20.54 -2.95
CA ALA B 143 -6.41 20.93 -2.69
C ALA B 143 -6.52 21.44 -1.26
N LYS B 144 -7.26 22.54 -1.10
CA LYS B 144 -7.44 23.19 0.21
C LYS B 144 -8.84 22.90 0.73
N VAL B 145 -8.92 22.39 1.96
CA VAL B 145 -10.18 22.12 2.63
C VAL B 145 -10.24 22.97 3.89
N GLN B 146 -11.35 23.70 4.07
CA GLN B 146 -11.57 24.51 5.25
C GLN B 146 -12.80 24.01 5.99
N TRP B 147 -12.69 23.93 7.31
CA TRP B 147 -13.78 23.51 8.17
C TRP B 147 -14.39 24.74 8.83
N LYS B 148 -15.67 24.98 8.55
CA LYS B 148 -16.39 26.12 9.13
C LYS B 148 -17.54 25.59 9.98
N VAL B 149 -17.64 26.11 11.20
CA VAL B 149 -18.65 25.70 12.17
C VAL B 149 -19.38 26.95 12.60
N ASP B 150 -20.65 27.07 12.20
CA ASP B 150 -21.44 28.30 12.38
C ASP B 150 -20.73 29.48 11.72
N ASN B 151 -20.34 29.28 10.46
CA ASN B 151 -19.63 30.30 9.67
C ASN B 151 -18.39 30.81 10.39
N ALA B 152 -17.65 29.89 11.02
CA ALA B 152 -16.44 30.21 11.75
C ALA B 152 -15.35 29.22 11.37
N LEU B 153 -14.24 29.73 10.86
CA LEU B 153 -13.13 28.87 10.43
C LEU B 153 -12.56 28.12 11.63
N GLN B 154 -12.15 26.87 11.39
CA GLN B 154 -11.62 26.00 12.42
C GLN B 154 -10.12 25.80 12.25
N SER B 155 -9.45 25.45 13.35
CA SER B 155 -8.01 25.26 13.34
C SER B 155 -7.63 24.22 14.39
N GLY B 156 -6.84 23.23 13.97
CA GLY B 156 -6.22 22.31 14.89
C GLY B 156 -7.03 21.10 15.30
N ASN B 157 -8.15 20.81 14.62
CA ASN B 157 -9.00 19.70 15.01
C ASN B 157 -9.36 18.79 13.84
N SER B 158 -8.62 18.87 12.74
CA SER B 158 -8.91 18.07 11.56
C SER B 158 -7.64 17.39 11.06
N GLN B 159 -7.81 16.23 10.44
CA GLN B 159 -6.71 15.47 9.85
C GLN B 159 -7.07 15.11 8.42
N GLU B 160 -6.04 15.07 7.57
CA GLU B 160 -6.23 14.83 6.15
C GLU B 160 -5.58 13.50 5.74
N SER B 161 -6.07 12.97 4.62
CA SER B 161 -5.60 11.69 4.10
C SER B 161 -5.78 11.70 2.59
N VAL B 162 -4.72 11.35 1.86
CA VAL B 162 -4.72 11.33 0.40
C VAL B 162 -4.46 9.91 -0.06
N THR B 163 -5.30 9.41 -0.95
CA THR B 163 -5.05 8.12 -1.57
C THR B 163 -3.84 8.20 -2.50
N GLU B 164 -3.29 7.03 -2.83
CA GLU B 164 -2.34 6.97 -3.91
C GLU B 164 -3.05 7.21 -5.24
N GLN B 165 -2.28 7.45 -6.29
CA GLN B 165 -2.86 7.68 -7.60
C GLN B 165 -3.55 6.42 -8.10
N ASP B 166 -4.76 6.56 -8.61
CA ASP B 166 -5.49 5.42 -9.15
C ASP B 166 -4.84 4.94 -10.45
N SER B 167 -4.81 3.62 -10.63
CA SER B 167 -4.13 3.05 -11.78
C SER B 167 -4.87 3.29 -13.09
N LYS B 168 -6.18 3.56 -13.03
CA LYS B 168 -6.99 3.70 -14.24
C LYS B 168 -7.14 5.16 -14.67
N ASP B 169 -7.69 6.01 -13.80
CA ASP B 169 -7.93 7.40 -14.13
C ASP B 169 -6.81 8.33 -13.67
N SER B 170 -5.88 7.85 -12.85
CA SER B 170 -4.75 8.65 -12.37
C SER B 170 -5.20 9.86 -11.56
N THR B 171 -6.30 9.73 -10.83
CA THR B 171 -6.81 10.79 -9.97
C THR B 171 -6.53 10.46 -8.51
N TYR B 172 -6.82 11.43 -7.65
CA TYR B 172 -6.68 11.27 -6.21
C TYR B 172 -8.02 11.45 -5.52
N SER B 173 -8.11 10.91 -4.32
CA SER B 173 -9.24 11.14 -3.43
C SER B 173 -8.70 11.56 -2.06
N LEU B 174 -9.37 12.52 -1.44
CA LEU B 174 -8.87 13.12 -0.21
C LEU B 174 -9.90 12.98 0.91
N SER B 175 -9.39 12.88 2.14
CA SER B 175 -10.21 12.69 3.32
C SER B 175 -9.89 13.80 4.33
N SER B 176 -10.92 14.43 4.88
CA SER B 176 -10.76 15.45 5.91
C SER B 176 -11.73 15.14 7.04
N THR B 177 -11.20 14.88 8.23
CA THR B 177 -11.99 14.43 9.37
C THR B 177 -11.87 15.45 10.49
N LEU B 178 -12.95 16.17 10.76
CA LEU B 178 -13.03 17.08 11.90
C LEU B 178 -13.53 16.30 13.11
N THR B 179 -12.74 16.29 14.17
CA THR B 179 -13.05 15.51 15.37
C THR B 179 -13.27 16.44 16.56
N LEU B 180 -14.43 16.31 17.20
CA LEU B 180 -14.76 17.08 18.39
C LEU B 180 -15.38 16.15 19.42
N SER B 181 -15.43 16.62 20.66
CA SER B 181 -16.18 15.93 21.68
C SER B 181 -17.68 16.14 21.47
N LYS B 182 -18.48 15.22 22.04
CA LYS B 182 -19.92 15.30 21.86
C LYS B 182 -20.47 16.62 22.41
N ALA B 183 -20.01 17.03 23.58
CA ALA B 183 -20.48 18.27 24.18
C ALA B 183 -20.12 19.47 23.31
N ASP B 184 -18.88 19.51 22.81
CA ASP B 184 -18.49 20.58 21.90
C ASP B 184 -19.26 20.52 20.59
N TYR B 185 -19.69 19.32 20.18
CA TYR B 185 -20.41 19.18 18.92
C TYR B 185 -21.84 19.68 19.03
N GLU B 186 -22.48 19.45 20.18
CA GLU B 186 -23.86 19.90 20.38
C GLU B 186 -23.96 21.40 20.57
N LYS B 187 -22.85 22.08 20.85
CA LYS B 187 -22.85 23.52 21.07
C LYS B 187 -22.97 24.32 19.78
N HIS B 188 -23.04 23.66 18.63
CA HIS B 188 -23.15 24.34 17.35
C HIS B 188 -24.19 23.64 16.50
N LYS B 189 -24.52 24.25 15.35
CA LYS B 189 -25.62 23.79 14.53
C LYS B 189 -25.21 23.42 13.12
N VAL B 190 -24.54 24.31 12.40
CA VAL B 190 -24.18 24.08 11.00
C VAL B 190 -22.70 23.77 10.91
N TYR B 191 -22.37 22.71 10.17
CA TYR B 191 -20.99 22.29 9.93
C TYR B 191 -20.78 22.20 8.42
N ALA B 192 -19.81 22.97 7.92
CA ALA B 192 -19.58 23.09 6.49
C ALA B 192 -18.17 22.69 6.12
N CYS B 193 -17.99 22.35 4.84
CA CYS B 193 -16.70 21.98 4.29
C CYS B 193 -16.51 22.74 2.98
N GLU B 194 -15.63 23.74 3.00
CA GLU B 194 -15.33 24.56 1.83
C GLU B 194 -14.07 24.02 1.16
N VAL B 195 -14.18 23.73 -0.13
CA VAL B 195 -13.13 23.04 -0.88
C VAL B 195 -12.60 23.97 -1.96
N THR B 196 -11.29 24.23 -1.94
CA THR B 196 -10.60 24.97 -2.98
C THR B 196 -9.74 24.03 -3.80
N HIS B 197 -9.78 24.19 -5.12
CA HIS B 197 -9.03 23.33 -6.02
C HIS B 197 -8.95 24.00 -7.39
N GLN B 198 -7.93 23.61 -8.15
CA GLN B 198 -7.68 24.22 -9.46
C GLN B 198 -8.87 24.01 -10.40
N GLY B 199 -9.39 22.79 -10.45
CA GLY B 199 -10.51 22.46 -11.31
C GLY B 199 -11.82 23.12 -10.93
N LEU B 200 -11.85 23.86 -9.83
CA LEU B 200 -13.04 24.58 -9.39
C LEU B 200 -12.83 26.06 -9.59
N SER B 201 -13.77 26.70 -10.29
CA SER B 201 -13.71 28.15 -10.43
C SER B 201 -14.17 28.86 -9.16
N SER B 202 -15.13 28.26 -8.44
CA SER B 202 -15.61 28.80 -7.19
C SER B 202 -15.58 27.73 -6.11
N PRO B 203 -15.17 28.07 -4.88
CA PRO B 203 -15.04 27.06 -3.82
C PRO B 203 -16.36 26.40 -3.47
N VAL B 204 -16.48 25.10 -3.76
CA VAL B 204 -17.69 24.37 -3.44
C VAL B 204 -17.80 24.16 -1.94
N THR B 205 -19.03 24.15 -1.44
CA THR B 205 -19.27 24.07 0.00
C THR B 205 -20.41 23.09 0.26
N LYS B 206 -20.09 21.94 0.83
CA LYS B 206 -21.08 21.01 1.34
C LYS B 206 -21.23 21.22 2.84
N SER B 207 -22.47 21.18 3.32
CA SER B 207 -22.74 21.47 4.70
C SER B 207 -23.97 20.68 5.17
N PHE B 208 -24.20 20.72 6.48
CA PHE B 208 -25.37 20.10 7.07
C PHE B 208 -25.68 20.78 8.38
N ASN B 209 -26.94 20.66 8.81
CA ASN B 209 -27.40 21.20 10.07
C ASN B 209 -27.66 20.06 11.04
N ARG B 210 -27.05 20.14 12.22
CA ARG B 210 -27.19 19.09 13.22
C ARG B 210 -28.64 18.90 13.62
N GLY B 211 -28.98 17.68 14.04
CA GLY B 211 -30.33 17.35 14.45
C GLY B 211 -31.28 17.00 13.32
N GLU B 212 -30.92 17.28 12.08
CA GLU B 212 -31.76 16.94 10.94
C GLU B 212 -31.05 15.97 10.01
N ASN C 2 27.33 -18.70 -6.89
CA ASN C 2 26.04 -18.91 -7.53
C ASN C 2 25.22 -19.95 -6.78
N PRO C 3 24.14 -19.51 -6.13
CA PRO C 3 23.31 -20.45 -5.35
C PRO C 3 22.47 -21.39 -6.19
N ASN C 4 22.49 -21.26 -7.52
CA ASN C 4 21.69 -22.11 -8.38
C ASN C 4 22.47 -23.37 -8.74
N ALA C 5 21.72 -24.45 -8.99
CA ALA C 5 22.34 -25.68 -9.46
C ALA C 5 22.73 -25.56 -10.92
N ASN C 6 23.91 -26.08 -11.26
CA ASN C 6 24.35 -26.07 -12.64
C ASN C 6 23.64 -27.18 -13.42
N PRO C 7 22.83 -26.84 -14.44
CA PRO C 7 22.05 -27.84 -15.18
C PRO C 7 22.90 -28.58 -16.22
#